data_4L21
#
_entry.id   4L21
#
_cell.length_a   49.182
_cell.length_b   41.680
_cell.length_c   65.457
_cell.angle_alpha   90.00
_cell.angle_beta   94.89
_cell.angle_gamma   90.00
#
_symmetry.space_group_name_H-M   'P 1 21 1'
#
loop_
_entity.id
_entity.type
_entity.pdbx_description
1 polymer 'Salivary nitrophorin'
2 non-polymer 'PROTOPORPHYRIN IX CONTAINING FE'
3 non-polymer 'NITRIC OXIDE'
4 water water
#
_entity_poly.entity_id   1
_entity_poly.type   'polypeptide(L)'
_entity_poly.pdbx_seq_one_letter_code
;PPAQLSVHTVSWNSGHERAPTNLEELLGLNSGETPDVIAVAVQGFGFQTDKPQQGPA(SNC)VKNVQSLLTSKGYTKLKN
TITETMGLTVYCLEKHLDQNTLKNETIIVTVDDQKKSGGIVTSFTIYNKRFSFTTSRMSDEDVTSTNTKYAYDTRLDYSK
KDDPSDFLFWIGDLNVRVETNATHAKSLVDQNNIDGLMAFDQLKKAKEQKLFDGWTEPQVTFKPTYKFKPNTDEYDLSAT
PSWTDRALYKSGTGKTIQPLSYNSLTNYKQTEHRPVLAKFRVTL
;
_entity_poly.pdbx_strand_id   A
#
loop_
_chem_comp.id
_chem_comp.type
_chem_comp.name
_chem_comp.formula
HEM non-polymer 'PROTOPORPHYRIN IX CONTAINING FE' 'C34 H32 Fe N4 O4'
NO non-polymer 'NITRIC OXIDE' 'N O'
#
# COMPACT_ATOMS: atom_id res chain seq x y z
N PRO A 1 18.82 -2.88 -21.13
CA PRO A 1 17.51 -2.46 -20.56
C PRO A 1 16.42 -3.49 -20.83
N PRO A 2 15.67 -3.92 -19.81
CA PRO A 2 14.64 -4.85 -20.25
C PRO A 2 13.44 -4.06 -20.78
N ALA A 3 12.57 -4.72 -21.53
CA ALA A 3 11.39 -4.09 -22.02
C ALA A 3 10.39 -3.95 -20.87
N GLN A 4 10.37 -4.95 -19.99
CA GLN A 4 9.40 -4.97 -18.91
C GLN A 4 10.02 -5.26 -17.53
N LEU A 5 9.28 -4.89 -16.48
CA LEU A 5 9.69 -5.17 -15.12
C LEU A 5 8.43 -5.51 -14.32
N SER A 6 8.67 -6.30 -13.30
CA SER A 6 7.59 -6.70 -12.38
C SER A 6 7.78 -6.06 -11.02
N VAL A 7 6.63 -5.71 -10.40
CA VAL A 7 6.59 -5.00 -9.17
C VAL A 7 5.60 -5.75 -8.28
N HIS A 8 5.98 -6.07 -7.07
CA HIS A 8 5.03 -6.53 -6.04
C HIS A 8 4.88 -5.44 -4.97
N THR A 9 3.65 -5.18 -4.50
CA THR A 9 3.38 -4.28 -3.38
C THR A 9 2.56 -5.02 -2.38
N VAL A 10 2.80 -4.72 -1.14
CA VAL A 10 1.93 -5.21 -0.08
C VAL A 10 1.66 -4.15 0.92
N SER A 11 0.41 -3.99 1.28
CA SER A 11 0.20 -3.16 2.44
C SER A 11 -0.73 -3.79 3.46
N TRP A 12 -0.56 -3.33 4.68
CA TRP A 12 -1.21 -3.86 5.84
C TRP A 12 -1.39 -2.81 6.90
N ASN A 13 -2.62 -2.54 7.24
CA ASN A 13 -2.95 -1.77 8.42
C ASN A 13 -2.90 -2.76 9.57
N SER A 14 -1.71 -2.82 10.15
CA SER A 14 -1.40 -3.90 11.09
C SER A 14 -1.53 -3.43 12.53
N GLY A 15 -1.71 -2.13 12.74
CA GLY A 15 -1.95 -1.58 14.09
C GLY A 15 -0.77 -1.84 15.01
N HIS A 16 -1.04 -2.53 16.12
CA HIS A 16 -0.01 -2.78 17.13
C HIS A 16 0.61 -4.18 16.90
N GLU A 17 0.17 -4.86 15.85
CA GLU A 17 0.59 -6.23 15.64
C GLU A 17 2.08 -6.35 15.24
N ARG A 18 2.72 -7.34 15.87
CA ARG A 18 4.08 -7.76 15.59
C ARG A 18 4.16 -8.24 14.15
N ALA A 19 5.29 -7.98 13.50
CA ALA A 19 5.60 -8.51 12.16
C ALA A 19 5.58 -10.04 12.12
N PRO A 20 5.03 -10.63 11.05
CA PRO A 20 5.04 -12.09 10.94
C PRO A 20 6.41 -12.55 10.51
N THR A 21 6.66 -13.85 10.67
CA THR A 21 7.94 -14.39 10.36
C THR A 21 7.92 -15.08 8.99
N ASN A 22 6.75 -15.58 8.53
CA ASN A 22 6.55 -16.00 7.16
CA ASN A 22 6.58 -16.01 7.11
C ASN A 22 6.32 -14.80 6.22
N LEU A 23 7.43 -14.22 5.75
CA LEU A 23 7.44 -13.05 4.88
C LEU A 23 7.30 -13.50 3.44
N GLU A 24 7.63 -14.73 3.13
CA GLU A 24 7.59 -15.15 1.75
C GLU A 24 6.26 -15.02 1.10
N GLU A 25 5.23 -15.53 1.79
CA GLU A 25 3.88 -15.48 1.30
C GLU A 25 3.42 -13.98 1.22
N LEU A 26 3.76 -13.19 2.24
CA LEU A 26 3.34 -11.79 2.34
C LEU A 26 3.84 -11.01 1.10
N LEU A 27 5.06 -11.33 0.65
CA LEU A 27 5.69 -10.58 -0.46
C LEU A 27 5.41 -11.23 -1.81
N GLY A 28 4.66 -12.31 -1.80
CA GLY A 28 4.28 -12.96 -3.01
C GLY A 28 5.43 -13.72 -3.72
N LEU A 29 6.32 -14.28 -2.92
CA LEU A 29 7.51 -15.01 -3.42
C LEU A 29 7.33 -16.56 -3.30
N ASN A 30 6.26 -16.98 -2.65
CA ASN A 30 6.08 -18.42 -2.33
C ASN A 30 5.67 -19.36 -3.51
N SER A 31 5.44 -18.83 -4.71
CA SER A 31 5.21 -19.66 -5.91
C SER A 31 6.43 -19.56 -6.83
N GLY A 32 7.52 -19.05 -6.26
CA GLY A 32 8.81 -18.93 -6.97
C GLY A 32 9.00 -17.73 -7.89
N GLU A 33 8.09 -16.75 -7.78
CA GLU A 33 8.30 -15.51 -8.55
C GLU A 33 9.51 -14.69 -8.02
N THR A 34 10.04 -13.89 -8.92
CA THR A 34 11.25 -13.12 -8.72
C THR A 34 10.99 -11.70 -9.25
N PRO A 35 10.17 -10.90 -8.52
CA PRO A 35 9.93 -9.55 -9.04
C PRO A 35 11.12 -8.67 -8.97
N ASP A 36 11.17 -7.69 -9.88
CA ASP A 36 12.23 -6.69 -9.91
C ASP A 36 12.19 -5.69 -8.79
N VAL A 37 10.96 -5.28 -8.40
CA VAL A 37 10.84 -4.32 -7.34
C VAL A 37 9.81 -4.80 -6.35
N ILE A 38 10.09 -4.60 -5.06
CA ILE A 38 9.16 -4.94 -3.92
C ILE A 38 8.96 -3.75 -3.01
N ALA A 39 7.68 -3.34 -2.77
CA ALA A 39 7.39 -2.32 -1.81
C ALA A 39 6.44 -2.86 -0.73
N VAL A 40 6.74 -2.52 0.51
CA VAL A 40 5.98 -2.95 1.67
C VAL A 40 5.55 -1.71 2.52
N ALA A 41 4.25 -1.53 2.78
CA ALA A 41 3.72 -0.39 3.47
C ALA A 41 2.92 -0.95 4.67
N VAL A 42 3.15 -0.38 5.83
CA VAL A 42 2.39 -0.71 7.04
C VAL A 42 1.84 0.57 7.66
N GLN A 43 0.66 0.42 8.29
CA GLN A 43 0.12 1.43 9.07
C GLN A 43 -0.15 0.87 10.45
N GLY A 44 0.13 1.67 11.50
CA GLY A 44 -0.13 1.26 12.88
C GLY A 44 0.25 2.34 13.89
N PHE A 45 0.83 1.90 14.99
CA PHE A 45 1.08 2.81 16.12
C PHE A 45 2.42 2.42 16.75
N GLY A 46 3.25 3.41 17.04
CA GLY A 46 4.43 3.20 17.88
C GLY A 46 5.62 2.61 17.15
N PHE A 47 5.67 2.76 15.83
CA PHE A 47 6.78 2.16 15.08
C PHE A 47 8.13 2.80 15.39
N GLN A 48 8.14 4.13 15.43
CA GLN A 48 9.36 4.88 15.55
C GLN A 48 9.95 4.70 16.94
N THR A 49 9.17 4.97 17.99
CA THR A 49 9.64 4.67 19.36
C THR A 49 10.08 3.20 19.37
N ASP A 50 9.30 2.35 18.73
CA ASP A 50 9.60 0.92 18.65
C ASP A 50 9.84 0.34 20.04
N LYS A 51 8.87 0.54 20.94
CA LYS A 51 8.86 -0.11 22.25
C LYS A 51 9.16 -1.62 22.22
N PRO A 52 8.40 -2.42 21.43
CA PRO A 52 8.59 -3.90 21.35
C PRO A 52 9.94 -4.41 20.82
N GLN A 53 10.78 -3.48 20.34
CA GLN A 53 12.03 -3.81 19.65
C GLN A 53 11.81 -4.87 18.55
N GLN A 54 10.80 -4.56 17.73
CA GLN A 54 10.46 -5.30 16.53
C GLN A 54 11.37 -4.90 15.35
N GLY A 55 11.87 -3.67 15.33
CA GLY A 55 12.69 -3.19 14.21
C GLY A 55 13.83 -4.15 13.89
N PRO A 56 14.55 -4.60 14.93
CA PRO A 56 15.67 -5.52 14.72
C PRO A 56 15.30 -6.86 14.09
N ALA A 57 14.22 -7.51 14.54
CA ALA A 57 13.71 -8.75 13.90
C ALA A 57 13.36 -8.52 12.43
N SNC A 58 12.73 -7.39 12.16
CA SNC A 58 12.29 -7.09 10.81
CB SNC A 58 11.54 -5.74 10.72
SG SNC A 58 9.89 -5.79 11.38
ND SNC A 58 9.20 -6.84 10.05
OE SNC A 58 9.85 -7.26 9.12
C SNC A 58 13.48 -7.06 9.91
O SNC A 58 13.53 -7.79 8.92
N VAL A 59 14.45 -6.24 10.29
CA VAL A 59 15.64 -6.05 9.46
C VAL A 59 16.30 -7.39 9.26
N LYS A 60 16.49 -8.13 10.35
CA LYS A 60 17.26 -9.37 10.28
C LYS A 60 16.53 -10.36 9.39
N ASN A 61 15.21 -10.51 9.60
CA ASN A 61 14.45 -11.53 8.82
C ASN A 61 14.23 -11.15 7.37
N VAL A 62 13.98 -9.86 7.11
CA VAL A 62 13.77 -9.42 5.72
C VAL A 62 15.09 -9.50 4.98
N GLN A 63 16.17 -9.01 5.61
CA GLN A 63 17.48 -8.96 4.88
C GLN A 63 17.97 -10.37 4.61
N SER A 64 17.84 -11.28 5.57
CA SER A 64 18.12 -12.68 5.35
C SER A 64 17.53 -13.10 4.03
N LEU A 65 16.22 -12.96 3.96
CA LEU A 65 15.47 -13.57 2.90
C LEU A 65 15.75 -12.89 1.55
N LEU A 66 15.73 -11.55 1.56
CA LEU A 66 15.78 -10.83 0.27
C LEU A 66 17.20 -10.73 -0.32
N THR A 67 18.19 -10.48 0.52
CA THR A 67 19.61 -10.40 0.08
C THR A 67 20.10 -11.66 -0.68
N SER A 68 19.75 -12.82 -0.17
CA SER A 68 19.83 -14.10 -0.88
C SER A 68 19.28 -14.13 -2.33
N LYS A 69 18.21 -13.39 -2.58
CA LYS A 69 17.62 -13.43 -3.89
C LYS A 69 18.05 -12.33 -4.80
N GLY A 70 19.03 -11.52 -4.41
CA GLY A 70 19.54 -10.51 -5.30
C GLY A 70 19.03 -9.12 -5.04
N TYR A 71 18.20 -8.92 -4.01
CA TYR A 71 17.66 -7.56 -3.73
C TYR A 71 18.56 -6.65 -2.91
N THR A 72 18.46 -5.35 -3.19
CA THR A 72 19.07 -4.32 -2.45
C THR A 72 17.93 -3.46 -1.81
N LYS A 73 18.00 -3.15 -0.50
CA LYS A 73 17.04 -2.18 0.08
C LYS A 73 17.37 -0.73 -0.39
N LEU A 74 16.46 -0.13 -1.16
CA LEU A 74 16.59 1.27 -1.52
C LEU A 74 16.33 2.19 -0.36
N LYS A 75 15.30 1.92 0.47
CA LYS A 75 14.98 2.79 1.57
C LYS A 75 13.99 2.12 2.48
N ASN A 76 14.16 2.25 3.76
CA ASN A 76 13.11 2.09 4.78
C ASN A 76 12.87 3.44 5.44
N THR A 77 11.59 3.77 5.67
CA THR A 77 11.26 5.08 6.30
C THR A 77 10.17 4.74 7.28
N ILE A 78 10.35 5.15 8.54
CA ILE A 78 9.44 4.85 9.61
C ILE A 78 8.99 6.16 10.27
N THR A 79 7.68 6.29 10.52
CA THR A 79 7.11 7.35 11.41
C THR A 79 6.37 6.69 12.55
N GLU A 80 5.66 7.47 13.37
CA GLU A 80 4.96 6.88 14.49
C GLU A 80 3.86 5.93 13.97
N THR A 81 3.31 6.26 12.80
CA THR A 81 2.14 5.59 12.30
C THR A 81 2.30 4.88 10.97
N MET A 82 3.42 5.09 10.27
CA MET A 82 3.60 4.48 8.94
C MET A 82 5.02 3.89 8.78
N GLY A 83 5.11 2.90 7.90
CA GLY A 83 6.32 2.28 7.49
C GLY A 83 6.28 2.08 5.97
N LEU A 84 7.34 2.43 5.23
CA LEU A 84 7.46 2.15 3.86
C LEU A 84 8.86 1.66 3.55
N THR A 85 8.94 0.48 2.96
CA THR A 85 10.21 -0.08 2.54
C THR A 85 10.17 -0.42 1.08
N VAL A 86 11.25 -0.07 0.33
CA VAL A 86 11.35 -0.38 -1.08
C VAL A 86 12.66 -1.14 -1.42
N TYR A 87 12.52 -2.25 -2.13
CA TYR A 87 13.65 -3.10 -2.54
C TYR A 87 13.68 -3.20 -4.04
N CYS A 88 14.91 -3.37 -4.61
CA CYS A 88 15.03 -3.62 -5.97
C CYS A 88 16.20 -4.59 -6.26
N LEU A 89 16.04 -5.44 -7.25
CA LEU A 89 17.13 -6.35 -7.65
C LEU A 89 18.35 -5.46 -7.97
N GLU A 90 19.44 -5.81 -7.26
CA GLU A 90 20.72 -5.15 -7.41
C GLU A 90 21.18 -4.97 -8.88
N LYS A 91 20.91 -5.94 -9.74
CA LYS A 91 21.33 -5.87 -11.14
C LYS A 91 20.74 -4.73 -11.96
N HIS A 92 19.67 -4.08 -11.48
CA HIS A 92 19.08 -2.96 -12.19
C HIS A 92 19.68 -1.60 -11.79
N LEU A 93 20.47 -1.55 -10.72
CA LEU A 93 20.87 -0.26 -10.13
C LEU A 93 22.09 0.34 -10.83
N ASP A 94 21.95 1.61 -11.26
CA ASP A 94 23.13 2.46 -11.60
C ASP A 94 23.21 3.62 -10.61
N GLN A 95 24.17 3.53 -9.73
CA GLN A 95 24.45 4.52 -8.67
CA GLN A 95 24.25 4.51 -8.68
C GLN A 95 24.38 5.94 -9.20
N ASN A 96 24.87 6.10 -10.43
CA ASN A 96 25.02 7.44 -11.00
C ASN A 96 23.77 8.08 -11.50
N THR A 97 22.74 7.29 -11.80
CA THR A 97 21.44 7.79 -12.30
C THR A 97 20.27 7.52 -11.32
N LEU A 98 20.54 6.80 -10.23
CA LEU A 98 19.41 6.30 -9.40
C LEU A 98 18.60 7.40 -8.75
N LYS A 99 19.26 8.48 -8.38
CA LYS A 99 18.56 9.60 -7.73
C LYS A 99 17.46 9.11 -6.72
N ASN A 100 17.93 8.33 -5.76
CA ASN A 100 17.06 7.74 -4.70
C ASN A 100 16.67 8.76 -3.68
N GLU A 101 15.37 9.14 -3.67
CA GLU A 101 14.90 10.23 -2.81
C GLU A 101 13.59 9.84 -2.10
N THR A 102 13.47 10.24 -0.84
CA THR A 102 12.22 10.14 -0.06
C THR A 102 11.84 11.45 0.62
N ILE A 103 10.52 11.77 0.65
CA ILE A 103 9.98 12.86 1.41
C ILE A 103 8.97 12.30 2.41
N ILE A 104 8.83 13.01 3.51
CA ILE A 104 7.81 12.72 4.48
C ILE A 104 6.97 13.97 4.50
N VAL A 105 5.63 13.79 4.50
CA VAL A 105 4.69 14.88 4.64
C VAL A 105 3.87 14.63 5.91
N THR A 106 3.78 15.60 6.79
CA THR A 106 2.90 15.40 7.92
C THR A 106 1.98 16.59 8.00
N VAL A 107 0.72 16.28 8.34
CA VAL A 107 -0.44 17.12 8.23
C VAL A 107 -0.89 17.69 9.57
N ASP A 108 -0.49 17.04 10.67
CA ASP A 108 -0.88 17.44 12.01
C ASP A 108 0.34 17.72 12.90
N ASP A 109 0.06 18.41 13.99
CA ASP A 109 1.15 18.79 14.85
C ASP A 109 1.82 17.64 15.65
N GLN A 110 1.14 16.48 15.73
N GLN A 110 1.18 16.46 15.72
CA GLN A 110 1.67 15.28 16.37
CA GLN A 110 1.75 15.28 16.38
C GLN A 110 2.42 14.33 15.41
C GLN A 110 2.45 14.33 15.39
N LYS A 111 2.40 14.67 14.12
CA LYS A 111 3.13 13.97 13.06
C LYS A 111 2.58 12.55 12.85
N LYS A 112 1.27 12.40 13.12
CA LYS A 112 0.60 11.11 13.03
C LYS A 112 -0.08 10.84 11.70
N SER A 113 -0.47 11.87 10.98
CA SER A 113 -1.13 11.74 9.66
C SER A 113 -0.28 12.41 8.60
N GLY A 114 -0.39 11.90 7.39
CA GLY A 114 0.39 12.39 6.27
C GLY A 114 0.81 11.25 5.39
N GLY A 115 2.07 11.24 4.96
CA GLY A 115 2.49 10.16 4.07
C GLY A 115 3.97 10.18 3.80
N ILE A 116 4.36 9.26 2.96
CA ILE A 116 5.80 9.03 2.63
C ILE A 116 5.83 8.74 1.16
N VAL A 117 6.80 9.35 0.44
CA VAL A 117 7.06 9.03 -0.95
C VAL A 117 8.52 8.71 -1.19
N THR A 118 8.77 7.54 -1.73
CA THR A 118 10.12 7.09 -2.10
C THR A 118 10.17 6.90 -3.58
N SER A 119 11.20 7.52 -4.25
CA SER A 119 11.30 7.46 -5.69
C SER A 119 12.77 7.16 -6.11
N PHE A 120 12.90 6.58 -7.25
CA PHE A 120 14.21 6.18 -7.76
C PHE A 120 14.07 5.90 -9.23
N THR A 121 15.21 5.95 -9.93
CA THR A 121 15.18 5.73 -11.36
C THR A 121 16.07 4.55 -11.75
N ILE A 122 15.55 3.71 -12.62
CA ILE A 122 16.28 2.62 -13.19
C ILE A 122 15.99 2.60 -14.68
N TYR A 123 17.06 2.38 -15.49
CA TYR A 123 16.93 2.43 -16.93
C TYR A 123 16.23 3.70 -17.42
N ASN A 124 16.54 4.78 -16.75
CA ASN A 124 16.08 6.09 -17.13
C ASN A 124 14.55 6.25 -16.99
N LYS A 125 13.92 5.34 -16.24
CA LYS A 125 12.49 5.44 -15.87
C LYS A 125 12.36 5.72 -14.35
N ARG A 126 11.47 6.68 -13.99
CA ARG A 126 11.32 7.03 -12.58
C ARG A 126 10.13 6.31 -11.93
N PHE A 127 10.40 5.55 -10.88
CA PHE A 127 9.38 4.96 -9.99
C PHE A 127 9.16 5.81 -8.72
N SER A 128 7.87 5.91 -8.32
CA SER A 128 7.52 6.51 -7.07
C SER A 128 6.55 5.57 -6.36
N PHE A 129 6.83 5.40 -5.09
CA PHE A 129 6.00 4.64 -4.11
C PHE A 129 5.53 5.57 -2.99
N THR A 130 4.17 5.63 -2.78
CA THR A 130 3.57 6.44 -1.77
C THR A 130 2.82 5.55 -0.80
N THR A 131 2.94 5.87 0.47
CA THR A 131 1.89 5.44 1.45
C THR A 131 1.43 6.64 2.23
N SER A 132 0.21 6.52 2.80
CA SER A 132 -0.40 7.64 3.53
C SER A 132 -1.32 7.13 4.67
N ARG A 133 -1.69 8.02 5.57
CA ARG A 133 -2.45 7.69 6.74
C ARG A 133 -3.21 8.94 7.12
N MET A 134 -4.50 8.78 7.34
CA MET A 134 -5.33 9.92 7.85
C MET A 134 -6.34 9.35 8.84
N SER A 135 -6.73 10.17 9.85
CA SER A 135 -7.75 9.76 10.79
C SER A 135 -9.08 10.34 10.38
N ASP A 136 -10.15 9.75 10.83
CA ASP A 136 -11.47 10.22 10.55
C ASP A 136 -11.71 11.64 11.01
N GLU A 137 -11.08 12.03 12.12
CA GLU A 137 -11.51 13.26 12.80
CA GLU A 137 -11.40 13.28 12.86
C GLU A 137 -10.65 14.50 12.41
N ASP A 138 -9.53 14.32 11.70
CA ASP A 138 -8.64 15.36 11.38
C ASP A 138 -9.18 16.43 10.46
N VAL A 139 -8.70 17.64 10.66
CA VAL A 139 -8.98 18.72 9.82
C VAL A 139 -7.82 18.67 8.77
N THR A 140 -8.11 18.82 7.47
CA THR A 140 -7.18 18.53 6.44
C THR A 140 -7.13 19.56 5.31
N SER A 141 -6.09 19.46 4.45
CA SER A 141 -6.12 20.27 3.22
C SER A 141 -7.28 20.03 2.27
N THR A 142 -7.87 18.84 2.32
CA THR A 142 -8.96 18.48 1.42
C THR A 142 -10.33 18.66 2.03
N ASN A 143 -10.39 18.91 3.35
CA ASN A 143 -11.66 18.89 4.11
C ASN A 143 -12.46 17.61 3.97
N THR A 144 -11.71 16.54 3.71
CA THR A 144 -12.22 15.16 3.75
C THR A 144 -11.43 14.31 4.71
N LYS A 145 -11.86 13.07 4.97
CA LYS A 145 -11.15 12.13 5.79
C LYS A 145 -10.17 11.26 5.02
N TYR A 146 -10.08 11.42 3.69
CA TYR A 146 -9.31 10.45 2.86
C TYR A 146 -7.83 10.76 2.99
N ALA A 147 -7.02 9.73 2.95
CA ALA A 147 -5.60 9.87 3.08
C ALA A 147 -4.90 10.30 1.77
N TYR A 148 -5.24 11.48 1.31
CA TYR A 148 -4.70 12.15 0.14
C TYR A 148 -4.12 13.53 0.54
N ASP A 149 -2.96 13.81 -0.04
CA ASP A 149 -2.46 15.19 -0.02
C ASP A 149 -1.76 15.33 -1.36
N THR A 150 -1.90 16.51 -1.98
CA THR A 150 -1.28 16.69 -3.34
C THR A 150 0.24 16.56 -3.30
N ARG A 151 0.85 16.87 -2.16
CA ARG A 151 2.31 16.75 -2.02
C ARG A 151 2.84 15.33 -2.14
N LEU A 152 1.94 14.37 -1.91
CA LEU A 152 2.27 12.91 -2.01
C LEU A 152 1.97 12.36 -3.33
N ASP A 153 1.44 13.18 -4.23
CA ASP A 153 1.01 12.74 -5.57
C ASP A 153 2.02 13.22 -6.64
N TYR A 154 2.91 12.31 -7.03
CA TYR A 154 4.01 12.62 -8.01
C TYR A 154 3.53 12.57 -9.45
N SER A 155 2.24 12.40 -9.66
CA SER A 155 1.61 12.53 -10.95
C SER A 155 1.23 13.98 -11.17
N LYS A 156 1.17 14.78 -10.11
CA LYS A 156 0.85 16.20 -10.27
C LYS A 156 2.11 17.05 -10.37
N LYS A 157 3.24 16.42 -10.41
CA LYS A 157 4.46 17.19 -10.49
C LYS A 157 4.61 17.80 -11.92
N ASP A 158 5.47 18.79 -12.01
CA ASP A 158 5.88 19.38 -13.31
C ASP A 158 6.50 18.34 -14.25
N ASP A 159 7.30 17.47 -13.66
CA ASP A 159 7.94 16.33 -14.30
C ASP A 159 7.50 15.02 -13.64
N PRO A 160 6.34 14.47 -14.08
CA PRO A 160 5.73 13.40 -13.30
C PRO A 160 6.44 12.12 -13.52
N SER A 161 6.42 11.24 -12.52
CA SER A 161 7.14 9.98 -12.60
C SER A 161 6.52 9.08 -13.68
N ASP A 162 7.33 8.12 -14.17
CA ASP A 162 6.89 7.16 -15.17
C ASP A 162 5.94 6.04 -14.61
N PHE A 163 6.30 5.52 -13.45
CA PHE A 163 5.47 4.49 -12.75
C PHE A 163 5.21 4.88 -11.27
N LEU A 164 3.93 4.96 -10.89
CA LEU A 164 3.53 5.45 -9.58
C LEU A 164 2.63 4.39 -8.96
N PHE A 165 2.91 4.17 -7.71
CA PHE A 165 2.10 3.26 -6.82
C PHE A 165 1.76 3.97 -5.53
N TRP A 166 0.53 3.76 -5.07
CA TRP A 166 0.04 4.31 -3.80
C TRP A 166 -0.57 3.10 -3.10
N ILE A 167 0.02 2.79 -1.98
CA ILE A 167 -0.31 1.55 -1.19
C ILE A 167 -0.53 1.90 0.28
N GLY A 168 -1.64 1.40 0.79
CA GLY A 168 -1.93 1.53 2.19
C GLY A 168 -3.39 1.58 2.41
N ASP A 169 -3.77 1.90 3.69
CA ASP A 169 -5.15 2.13 4.07
C ASP A 169 -5.45 3.63 3.79
N LEU A 170 -6.25 3.86 2.74
CA LEU A 170 -6.53 5.22 2.21
C LEU A 170 -7.58 5.90 3.07
N ASN A 171 -8.08 5.22 4.10
CA ASN A 171 -9.22 5.73 4.89
C ASN A 171 -10.53 5.88 4.12
N VAL A 172 -10.65 5.07 3.04
CA VAL A 172 -11.82 4.89 2.20
C VAL A 172 -12.58 3.65 2.74
N ARG A 173 -13.86 3.88 2.92
CA ARG A 173 -14.74 2.83 3.52
C ARG A 173 -15.94 2.57 2.65
N VAL A 174 -16.73 1.56 3.06
CA VAL A 174 -17.98 1.26 2.38
C VAL A 174 -19.13 1.98 3.03
N GLU A 175 -19.77 2.87 2.31
CA GLU A 175 -20.82 3.75 2.84
C GLU A 175 -22.25 3.17 2.65
N THR A 176 -22.49 2.15 3.46
CA THR A 176 -23.84 1.59 3.65
C THR A 176 -23.86 0.86 5.00
N ASN A 177 -25.05 0.41 5.39
CA ASN A 177 -25.15 -0.24 6.67
C ASN A 177 -24.56 -1.65 6.70
N ALA A 178 -24.33 -2.17 7.85
CA ALA A 178 -23.62 -3.46 8.00
C ALA A 178 -24.47 -4.65 7.50
N THR A 179 -25.79 -4.56 7.69
CA THR A 179 -26.68 -5.61 7.28
C THR A 179 -26.63 -5.85 5.80
N HIS A 180 -26.80 -4.76 5.08
CA HIS A 180 -26.77 -4.77 3.62
C HIS A 180 -25.41 -5.20 3.15
N ALA A 181 -24.34 -4.61 3.69
CA ALA A 181 -22.96 -4.98 3.31
C ALA A 181 -22.71 -6.52 3.49
N LYS A 182 -23.09 -7.03 4.64
CA LYS A 182 -22.91 -8.50 4.91
C LYS A 182 -23.70 -9.33 3.97
N SER A 183 -24.91 -8.95 3.65
CA SER A 183 -25.76 -9.65 2.67
C SER A 183 -25.05 -9.74 1.33
N LEU A 184 -24.52 -8.60 0.85
CA LEU A 184 -23.74 -8.63 -0.39
C LEU A 184 -22.51 -9.51 -0.33
N VAL A 185 -21.78 -9.46 0.76
CA VAL A 185 -20.66 -10.36 0.94
C VAL A 185 -21.07 -11.88 0.86
N ASP A 186 -22.18 -12.19 1.51
CA ASP A 186 -22.67 -13.55 1.51
C ASP A 186 -23.13 -14.00 0.12
N GLN A 187 -23.62 -13.07 -0.67
CA GLN A 187 -23.95 -13.32 -2.04
C GLN A 187 -22.75 -13.27 -2.98
N ASN A 188 -21.55 -13.00 -2.46
CA ASN A 188 -20.37 -12.73 -3.33
C ASN A 188 -20.59 -11.62 -4.37
N ASN A 189 -21.44 -10.67 -4.04
CA ASN A 189 -21.68 -9.55 -4.91
C ASN A 189 -20.69 -8.42 -4.65
N ILE A 190 -19.47 -8.66 -5.10
CA ILE A 190 -18.32 -7.77 -4.77
C ILE A 190 -18.51 -6.44 -5.50
N ASP A 191 -18.89 -6.47 -6.78
CA ASP A 191 -19.13 -5.25 -7.50
C ASP A 191 -20.35 -4.49 -6.95
N GLY A 192 -21.37 -5.20 -6.48
CA GLY A 192 -22.51 -4.54 -5.92
C GLY A 192 -22.10 -3.79 -4.64
N LEU A 193 -21.31 -4.40 -3.81
CA LEU A 193 -20.88 -3.71 -2.60
C LEU A 193 -19.84 -2.61 -2.90
N MET A 194 -18.98 -2.79 -3.90
CA MET A 194 -18.07 -1.73 -4.35
C MET A 194 -18.82 -0.45 -4.83
N ALA A 195 -20.05 -0.60 -5.25
CA ALA A 195 -20.93 0.55 -5.57
C ALA A 195 -20.99 1.56 -4.42
N PHE A 196 -20.86 1.08 -3.19
CA PHE A 196 -20.92 1.94 -2.01
C PHE A 196 -19.59 2.38 -1.47
N ASP A 197 -18.48 1.88 -2.05
CA ASP A 197 -17.16 2.23 -1.65
C ASP A 197 -16.82 3.67 -1.97
N GLN A 198 -16.06 4.29 -1.07
CA GLN A 198 -15.84 5.74 -1.18
C GLN A 198 -14.69 6.20 -2.11
N LEU A 199 -13.95 5.30 -2.75
CA LEU A 199 -12.92 5.75 -3.67
C LEU A 199 -13.50 6.61 -4.78
N LYS A 200 -14.65 6.22 -5.35
CA LYS A 200 -15.24 7.00 -6.38
C LYS A 200 -15.65 8.36 -5.94
N LYS A 201 -16.06 8.47 -4.66
CA LYS A 201 -16.40 9.77 -4.07
C LYS A 201 -15.19 10.69 -3.94
N ALA A 202 -14.11 10.13 -3.48
CA ALA A 202 -12.83 10.80 -3.31
C ALA A 202 -12.43 11.28 -4.69
N LYS A 203 -12.57 10.45 -5.72
CA LYS A 203 -12.21 10.89 -7.05
CA LYS A 203 -12.20 10.85 -7.06
C LYS A 203 -13.06 12.00 -7.59
N GLU A 204 -14.35 12.00 -7.28
CA GLU A 204 -15.29 13.08 -7.73
C GLU A 204 -14.81 14.40 -7.14
N GLN A 205 -14.24 14.34 -5.94
CA GLN A 205 -13.71 15.52 -5.26
CA GLN A 205 -13.66 15.51 -5.23
C GLN A 205 -12.22 15.86 -5.69
N LYS A 206 -11.73 15.28 -6.80
CA LYS A 206 -10.40 15.41 -7.28
C LYS A 206 -9.24 14.94 -6.39
N LEU A 207 -9.51 13.88 -5.61
CA LEU A 207 -8.55 13.25 -4.86
C LEU A 207 -8.30 11.86 -5.56
N PHE A 208 -7.07 11.44 -5.68
CA PHE A 208 -6.73 10.17 -6.36
C PHE A 208 -7.15 10.21 -7.82
N ASP A 209 -7.28 11.45 -8.30
CA ASP A 209 -7.63 11.80 -9.67
C ASP A 209 -6.76 11.03 -10.68
N GLY A 210 -7.35 10.20 -11.63
CA GLY A 210 -6.47 9.51 -12.61
C GLY A 210 -5.74 8.25 -12.11
N TRP A 211 -5.92 7.90 -10.82
CA TRP A 211 -5.32 6.69 -10.26
C TRP A 211 -6.26 5.54 -10.48
N THR A 212 -5.74 4.36 -10.73
CA THR A 212 -6.52 3.19 -11.00
C THR A 212 -6.29 2.14 -9.98
N GLU A 213 -7.37 1.46 -9.57
CA GLU A 213 -7.20 0.30 -8.73
C GLU A 213 -7.42 -0.95 -9.60
N PRO A 214 -6.63 -2.01 -9.38
CA PRO A 214 -6.93 -3.24 -10.12
C PRO A 214 -8.34 -3.73 -9.76
N GLN A 215 -8.96 -4.54 -10.63
CA GLN A 215 -10.29 -5.06 -10.33
C GLN A 215 -10.24 -5.86 -8.99
N VAL A 216 -11.17 -5.60 -8.07
CA VAL A 216 -11.30 -6.29 -6.79
C VAL A 216 -12.26 -7.47 -6.91
N THR A 217 -11.77 -8.67 -6.64
CA THR A 217 -12.60 -9.90 -6.64
C THR A 217 -12.66 -10.52 -5.26
N PHE A 218 -11.95 -9.94 -4.27
CA PHE A 218 -11.89 -10.46 -2.94
C PHE A 218 -12.85 -9.73 -2.00
N LYS A 219 -13.28 -10.43 -0.96
CA LYS A 219 -14.18 -9.88 0.00
C LYS A 219 -13.52 -8.76 0.84
N PRO A 220 -14.33 -7.90 1.45
CA PRO A 220 -13.76 -6.87 2.29
C PRO A 220 -12.68 -7.39 3.22
N THR A 221 -11.65 -6.57 3.45
CA THR A 221 -10.52 -6.97 4.26
C THR A 221 -10.60 -6.48 5.70
N TYR A 222 -11.72 -5.93 6.16
CA TYR A 222 -11.94 -5.37 7.47
C TYR A 222 -13.47 -5.35 7.69
N LYS A 223 -13.94 -5.53 8.91
CA LYS A 223 -13.20 -5.75 10.17
C LYS A 223 -13.51 -7.17 10.62
N PHE A 224 -12.42 -7.92 10.75
CA PHE A 224 -12.44 -9.33 11.21
C PHE A 224 -12.24 -9.50 12.72
N LYS A 225 -12.91 -10.52 13.27
CA LYS A 225 -12.56 -10.97 14.64
C LYS A 225 -11.22 -11.69 14.46
N PRO A 226 -10.20 -11.26 15.21
CA PRO A 226 -8.86 -11.88 15.01
C PRO A 226 -8.85 -13.41 15.03
N ASN A 227 -8.00 -13.99 14.20
CA ASN A 227 -7.81 -15.45 14.06
C ASN A 227 -9.00 -16.20 13.43
N THR A 228 -10.02 -15.47 12.93
CA THR A 228 -11.19 -16.08 12.26
C THR A 228 -11.41 -15.38 10.91
N ASP A 229 -12.33 -15.93 10.11
CA ASP A 229 -12.82 -15.31 8.88
C ASP A 229 -14.19 -14.75 9.08
N GLU A 230 -14.49 -14.43 10.33
CA GLU A 230 -15.79 -13.86 10.69
C GLU A 230 -15.72 -12.36 10.85
N TYR A 231 -16.58 -11.66 10.14
CA TYR A 231 -16.64 -10.23 10.29
C TYR A 231 -17.15 -9.86 11.62
N ASP A 232 -16.52 -8.85 12.19
CA ASP A 232 -17.10 -8.08 13.27
C ASP A 232 -17.96 -6.94 12.80
N LEU A 233 -19.27 -7.05 12.93
CA LEU A 233 -20.20 -6.21 12.30
C LEU A 233 -20.51 -4.92 13.08
N SER A 234 -19.65 -4.63 14.08
CA SER A 234 -19.52 -3.33 14.70
C SER A 234 -18.99 -2.32 13.67
N ALA A 235 -18.39 -2.80 12.58
CA ALA A 235 -18.06 -1.86 11.48
C ALA A 235 -18.62 -2.42 10.19
N THR A 236 -19.05 -1.55 9.31
CA THR A 236 -19.47 -2.05 7.96
C THR A 236 -18.25 -2.69 7.27
N PRO A 237 -18.37 -3.91 6.77
CA PRO A 237 -17.26 -4.53 6.05
C PRO A 237 -16.74 -3.60 4.91
N SER A 238 -15.42 -3.36 4.84
CA SER A 238 -14.84 -2.36 3.94
C SER A 238 -13.51 -2.90 3.41
N TRP A 239 -13.14 -2.33 2.26
CA TRP A 239 -11.79 -2.50 1.66
C TRP A 239 -10.89 -1.39 2.22
N THR A 240 -10.04 -1.78 3.14
CA THR A 240 -9.14 -0.81 3.87
C THR A 240 -7.79 -0.62 3.15
N ASP A 241 -6.98 -1.68 3.14
CA ASP A 241 -5.68 -1.69 2.37
C ASP A 241 -5.93 -1.78 0.87
N ARG A 242 -5.41 -0.79 0.15
CA ARG A 242 -5.60 -0.65 -1.29
C ARG A 242 -4.25 -0.51 -1.96
N ALA A 243 -4.29 -0.82 -3.27
CA ALA A 243 -3.17 -0.50 -4.19
C ALA A 243 -3.69 0.23 -5.41
N LEU A 244 -3.17 1.42 -5.62
CA LEU A 244 -3.51 2.27 -6.76
C LEU A 244 -2.25 2.48 -7.62
N TYR A 245 -2.49 2.61 -8.93
CA TYR A 245 -1.35 2.79 -9.84
C TYR A 245 -1.66 3.84 -10.86
N LYS A 246 -0.60 4.45 -11.38
CA LYS A 246 -0.77 5.48 -12.46
C LYS A 246 0.60 5.58 -13.17
N SER A 247 0.56 6.05 -14.40
CA SER A 247 1.76 6.62 -15.01
C SER A 247 1.58 8.09 -15.35
N GLY A 248 2.65 8.84 -15.18
CA GLY A 248 2.69 10.25 -15.57
C GLY A 248 3.06 10.44 -17.10
N THR A 249 3.43 9.38 -17.78
CA THR A 249 4.13 9.50 -19.07
C THR A 249 3.60 8.51 -20.10
N GLY A 250 2.36 8.00 -19.99
CA GLY A 250 1.77 7.11 -20.96
C GLY A 250 2.29 5.69 -20.98
N LYS A 251 3.03 5.30 -19.96
CA LYS A 251 3.54 3.92 -19.81
C LYS A 251 2.43 2.95 -19.37
N THR A 252 2.47 1.74 -19.93
CA THR A 252 1.56 0.71 -19.58
C THR A 252 1.96 0.04 -18.25
N ILE A 253 0.99 -0.06 -17.33
CA ILE A 253 1.10 -0.77 -16.07
C ILE A 253 -0.05 -1.75 -16.07
N GLN A 254 0.31 -3.02 -16.03
CA GLN A 254 -0.66 -4.08 -16.08
C GLN A 254 -0.69 -4.89 -14.79
N PRO A 255 -1.78 -4.78 -14.05
CA PRO A 255 -1.95 -5.65 -12.91
C PRO A 255 -2.05 -7.14 -13.32
N LEU A 256 -1.30 -8.01 -12.64
CA LEU A 256 -1.35 -9.47 -12.83
C LEU A 256 -2.27 -10.12 -11.88
N SER A 257 -2.26 -9.64 -10.62
CA SER A 257 -3.12 -10.11 -9.59
C SER A 257 -3.21 -9.09 -8.47
N TYR A 258 -4.30 -9.18 -7.75
CA TYR A 258 -4.65 -8.31 -6.64
C TYR A 258 -5.50 -9.12 -5.66
N ASN A 259 -5.01 -9.37 -4.48
CA ASN A 259 -5.74 -10.18 -3.53
CA ASN A 259 -5.59 -10.29 -3.54
C ASN A 259 -5.35 -9.91 -2.10
N SER A 260 -6.32 -10.13 -1.22
CA SER A 260 -6.11 -10.13 0.21
C SER A 260 -5.47 -11.49 0.54
N LEU A 261 -4.66 -11.54 1.57
CA LEU A 261 -3.97 -12.78 2.03
C LEU A 261 -4.63 -13.23 3.30
N THR A 262 -5.61 -14.09 3.09
CA THR A 262 -6.45 -14.64 4.16
C THR A 262 -5.70 -15.49 5.18
N ASN A 263 -4.58 -16.13 4.80
CA ASN A 263 -3.67 -16.78 5.81
C ASN A 263 -3.09 -15.89 6.89
N TYR A 264 -3.01 -14.57 6.68
CA TYR A 264 -2.56 -13.66 7.70
C TYR A 264 -3.77 -13.14 8.47
N LYS A 265 -4.25 -13.93 9.45
CA LYS A 265 -5.49 -13.60 10.22
C LYS A 265 -5.29 -13.00 11.58
N GLN A 266 -4.05 -12.75 11.95
CA GLN A 266 -3.75 -12.38 13.31
C GLN A 266 -4.39 -11.07 13.65
N THR A 267 -4.97 -10.39 12.67
CA THR A 267 -5.52 -9.10 13.02
C THR A 267 -6.86 -8.74 12.29
N GLU A 268 -7.36 -7.56 12.60
CA GLU A 268 -8.66 -7.06 12.16
C GLU A 268 -8.74 -6.72 10.66
N HIS A 269 -7.59 -6.35 10.09
CA HIS A 269 -7.43 -6.12 8.66
C HIS A 269 -6.60 -7.21 8.05
N ARG A 270 -6.84 -7.62 6.81
CA ARG A 270 -6.02 -8.58 6.10
CA ARG A 270 -6.02 -8.59 6.11
C ARG A 270 -5.09 -7.83 5.14
N PRO A 271 -3.83 -8.26 5.03
CA PRO A 271 -2.94 -7.60 4.05
C PRO A 271 -3.38 -7.84 2.64
N VAL A 272 -2.98 -6.89 1.77
CA VAL A 272 -3.27 -6.91 0.37
C VAL A 272 -2.00 -6.83 -0.46
N LEU A 273 -1.88 -7.82 -1.33
CA LEU A 273 -0.82 -8.05 -2.25
C LEU A 273 -1.23 -7.84 -3.68
N ALA A 274 -0.52 -6.92 -4.28
CA ALA A 274 -0.61 -6.66 -5.69
C ALA A 274 0.67 -6.93 -6.48
N LYS A 275 0.43 -7.42 -7.67
CA LYS A 275 1.48 -7.79 -8.65
C LYS A 275 1.22 -7.09 -9.96
N PHE A 276 2.24 -6.44 -10.48
CA PHE A 276 2.16 -5.72 -11.74
C PHE A 276 3.30 -6.03 -12.70
N ARG A 277 3.02 -5.86 -13.97
CA ARG A 277 4.05 -5.87 -15.00
C ARG A 277 4.01 -4.47 -15.62
N VAL A 278 5.13 -3.79 -15.53
CA VAL A 278 5.31 -2.50 -16.20
C VAL A 278 6.17 -2.58 -17.49
N THR A 279 5.74 -1.82 -18.51
CA THR A 279 6.42 -1.74 -19.83
C THR A 279 7.19 -0.44 -19.91
N LEU A 280 8.51 -0.56 -19.93
CA LEU A 280 9.40 0.59 -19.94
C LEU A 280 9.33 1.35 -21.28
CHA HEM B . 11.40 -1.92 9.59
CHB HEM B . 9.20 -1.12 13.79
CHC HEM B . 5.51 -3.90 12.35
CHD HEM B . 7.65 -4.55 8.03
C1A HEM B . 11.10 -1.46 10.83
C2A HEM B . 11.96 -0.61 11.61
C3A HEM B . 11.34 -0.41 12.77
C4A HEM B . 10.10 -1.10 12.75
CMA HEM B . 11.83 0.45 13.91
CAA HEM B . 13.29 -0.01 11.20
CBA HEM B . 14.40 -0.85 11.83
CGA HEM B . 15.72 -0.27 11.45
O1A HEM B . 15.81 0.45 10.44
O2A HEM B . 16.73 -0.53 12.16
C1B HEM B . 8.01 -1.87 13.77
C2B HEM B . 7.13 -1.97 14.88
C3B HEM B . 6.07 -2.78 14.50
C4B HEM B . 6.36 -3.14 13.13
CMB HEM B . 7.35 -1.30 16.21
CAB HEM B . 4.88 -3.19 15.29
CBB HEM B . 4.64 -2.92 16.56
C1C HEM B . 5.77 -4.30 11.07
C2C HEM B . 4.93 -5.14 10.33
C3C HEM B . 5.53 -5.32 9.11
C4C HEM B . 6.75 -4.61 9.09
CMC HEM B . 3.60 -5.70 10.72
CAC HEM B . 4.97 -6.22 8.13
CBC HEM B . 5.77 -6.91 7.31
C1D HEM B . 8.83 -3.82 8.17
C2D HEM B . 9.81 -3.86 7.11
C3D HEM B . 10.89 -3.15 7.55
C4D HEM B . 10.53 -2.72 8.90
CMD HEM B . 9.70 -4.57 5.83
CAD HEM B . 12.17 -2.93 6.78
CBD HEM B . 13.13 -4.17 7.04
CGD HEM B . 14.45 -4.09 6.30
O1D HEM B . 14.54 -4.49 5.13
O2D HEM B . 15.46 -3.58 6.83
NA HEM B . 9.97 -1.71 11.55
NB HEM B . 7.46 -2.52 12.74
NC HEM B . 6.82 -3.99 10.29
ND HEM B . 9.27 -3.10 9.27
FE HEM B . 8.40 -2.80 10.89
N NO C . 7.79 -1.25 10.23
O NO C . 7.64 -1.03 9.12
#